data_3BBP
#
_entry.id   3BBP
#
_cell.length_a   168.599
_cell.length_b   168.599
_cell.length_c   168.955
_cell.angle_alpha   90.00
_cell.angle_beta   90.00
_cell.angle_gamma   120.00
#
_symmetry.space_group_name_H-M   'P 64 2 2'
#
loop_
_entity.id
_entity.type
_entity.pdbx_description
1 polymer 'Ras-related protein Rab-6A'
2 polymer 'GRIP and coiled-coil domain-containing protein 2'
3 non-polymer 'MAGNESIUM ION'
4 non-polymer "GUANOSINE-5'-TRIPHOSPHATE"
#
loop_
_entity_poly.entity_id
_entity_poly.type
_entity_poly.pdbx_seq_one_letter_code
_entity_poly.pdbx_strand_id
1 'polypeptide(L)'
;GPGMSTGGDFGNPLRKFKLVFLGEQSVGKTSLITRFMYDSFDNTYQATIGIDFLSKTMYLEDRTVRLQLWDTAGLERFRS
LIPSYIRDSTVAVVVYDITNVNSFQQTTKWIDDVRTERGSDVIIMLVGNKTDLADKRQVSIEEGERKAKELNVMFIETSA
KAGYNVKQLFRRVAAALPGMESTQDRSREDMIDIKLEKPQEQPVSEGGCLL
;
A,B,C
2 'polypeptide(L)' GPLGSLEPPLWHAEFTKEELVQKLSSTTKSADHLNGLLRETEATNAILMEQIKLLKSEIRRLERNQEREKS D,E,F
#
# COMPACT_ATOMS: atom_id res chain seq x y z
N PHE A 17 3.95 8.17 22.80
CA PHE A 17 4.38 8.91 21.61
C PHE A 17 4.08 8.15 20.32
N LYS A 18 3.07 8.58 19.57
CA LYS A 18 2.50 7.77 18.49
C LYS A 18 2.74 8.29 17.07
N LEU A 19 3.04 7.37 16.15
CA LEU A 19 3.25 7.71 14.73
C LEU A 19 2.36 6.88 13.81
N VAL A 20 1.97 7.47 12.67
CA VAL A 20 1.10 6.79 11.71
C VAL A 20 1.60 6.93 10.29
N PHE A 21 1.73 5.80 9.59
CA PHE A 21 2.26 5.80 8.24
C PHE A 21 1.16 5.77 7.18
N LEU A 22 1.12 6.83 6.39
CA LEU A 22 0.09 6.99 5.37
C LEU A 22 0.72 7.04 3.99
N GLY A 23 -0.04 6.61 2.98
CA GLY A 23 0.42 6.70 1.61
C GLY A 23 -0.23 5.65 0.73
N GLU A 24 -0.03 5.79 -0.57
CA GLU A 24 -0.61 4.88 -1.55
C GLU A 24 -0.08 3.45 -1.39
N GLN A 25 -0.55 2.55 -2.24
CA GLN A 25 -0.22 1.13 -2.15
C GLN A 25 1.20 0.85 -2.65
N SER A 26 1.89 -0.07 -1.98
CA SER A 26 3.25 -0.49 -2.31
C SER A 26 4.29 0.64 -2.53
N VAL A 27 4.21 1.68 -1.71
CA VAL A 27 5.21 2.75 -1.74
C VAL A 27 6.40 2.40 -0.85
N GLY A 28 6.14 1.59 0.18
CA GLY A 28 7.19 1.10 1.05
C GLY A 28 6.97 1.43 2.51
N LYS A 29 5.72 1.65 2.91
CA LYS A 29 5.41 1.96 4.30
C LYS A 29 5.81 0.80 5.20
N THR A 30 5.27 -0.38 4.90
CA THR A 30 5.60 -1.58 5.66
C THR A 30 7.12 -1.80 5.67
N SER A 31 7.76 -1.48 4.55
CA SER A 31 9.20 -1.73 4.38
C SER A 31 10.09 -0.81 5.20
N LEU A 32 9.69 0.44 5.32
CA LEU A 32 10.45 1.44 6.07
C LEU A 32 10.39 1.14 7.55
N ILE A 33 9.27 0.60 8.00
CA ILE A 33 9.09 0.21 9.39
C ILE A 33 9.96 -0.99 9.73
N THR A 34 10.03 -1.95 8.81
CA THR A 34 10.87 -3.15 9.00
C THR A 34 12.37 -2.81 9.03
N ARG A 35 12.81 -1.99 8.08
CA ARG A 35 14.20 -1.58 8.01
C ARG A 35 14.63 -0.89 9.31
N PHE A 36 13.66 -0.34 10.03
CA PHE A 36 13.93 0.41 11.25
C PHE A 36 13.82 -0.46 12.50
N MET A 37 12.74 -1.25 12.56
CA MET A 37 12.48 -2.11 13.71
C MET A 37 13.42 -3.30 13.80
N TYR A 38 13.70 -3.93 12.67
CA TYR A 38 14.45 -5.19 12.65
C TYR A 38 15.66 -5.13 11.74
N ASP A 39 15.84 -3.99 11.09
CA ASP A 39 16.96 -3.79 10.16
C ASP A 39 17.02 -4.90 9.11
N SER A 40 15.86 -5.25 8.57
CA SER A 40 15.79 -6.24 7.50
C SER A 40 14.98 -5.69 6.32
N PHE A 41 14.97 -6.43 5.23
CA PHE A 41 14.20 -6.04 4.07
C PHE A 41 13.72 -7.27 3.30
N ASP A 42 12.50 -7.20 2.80
CA ASP A 42 11.94 -8.29 2.03
C ASP A 42 11.45 -7.79 0.67
N ASN A 43 11.95 -8.42 -0.39
CA ASN A 43 11.56 -8.06 -1.76
C ASN A 43 10.14 -8.48 -2.07
N THR A 44 9.73 -9.61 -1.48
CA THR A 44 8.37 -10.13 -1.66
C THR A 44 7.36 -9.14 -1.10
N TYR A 45 6.45 -8.68 -1.95
CA TYR A 45 5.45 -7.70 -1.55
C TYR A 45 4.23 -8.32 -0.88
N GLN A 46 3.87 -7.79 0.28
CA GLN A 46 2.62 -8.17 0.92
C GLN A 46 1.80 -6.95 1.33
N ALA A 47 0.61 -6.83 0.72
CA ALA A 47 -0.25 -5.71 1.00
C ALA A 47 -0.65 -5.70 2.48
N THR A 48 -0.51 -4.55 3.12
CA THR A 48 -0.87 -4.41 4.51
C THR A 48 -2.39 -4.44 4.64
N ILE A 49 -2.87 -5.29 5.55
CA ILE A 49 -4.30 -5.42 5.79
C ILE A 49 -4.68 -4.79 7.12
N GLY A 50 -5.69 -3.93 7.10
CA GLY A 50 -6.14 -3.25 8.31
C GLY A 50 -5.11 -2.27 8.80
N ILE A 51 -4.60 -2.51 10.00
CA ILE A 51 -3.56 -1.65 10.58
C ILE A 51 -2.63 -2.42 11.51
N ASP A 52 -1.50 -2.89 10.98
CA ASP A 52 -0.52 -3.62 11.79
C ASP A 52 0.04 -2.68 12.87
N PHE A 53 0.37 -3.23 14.04
CA PHE A 53 0.95 -2.42 15.10
C PHE A 53 2.32 -2.91 15.54
N LEU A 54 3.28 -1.99 15.58
CA LEU A 54 4.64 -2.29 16.03
C LEU A 54 5.12 -1.24 17.02
N SER A 55 5.86 -1.67 18.04
CA SER A 55 6.38 -0.74 19.03
C SER A 55 7.78 -1.15 19.46
N LYS A 56 8.65 -0.16 19.64
CA LYS A 56 10.01 -0.42 20.09
C LYS A 56 10.64 0.78 20.80
N THR A 57 11.49 0.45 21.78
CA THR A 57 12.14 1.37 22.70
C THR A 57 13.43 1.98 22.15
N MET A 58 13.36 3.24 21.74
CA MET A 58 14.53 3.94 21.20
C MET A 58 15.10 4.96 22.19
N TYR A 59 16.35 4.73 22.62
CA TYR A 59 17.06 5.64 23.51
C TYR A 59 17.78 6.73 22.71
N LEU A 60 17.32 7.97 22.84
CA LEU A 60 17.90 9.09 22.11
C LEU A 60 18.23 10.28 23.00
N GLU A 61 19.43 10.82 22.84
CA GLU A 61 19.85 12.02 23.55
C GLU A 61 19.55 11.99 25.05
N ASP A 62 20.28 11.12 25.76
CA ASP A 62 20.29 11.13 27.23
C ASP A 62 19.03 10.56 27.90
N ARG A 63 17.96 10.38 27.15
CA ARG A 63 16.74 9.79 27.70
C ARG A 63 16.08 8.81 26.73
N THR A 64 15.65 7.66 27.27
CA THR A 64 15.06 6.60 26.46
C THR A 64 13.59 6.92 26.13
N VAL A 65 13.25 6.87 24.84
CA VAL A 65 11.93 7.25 24.38
C VAL A 65 11.05 6.04 24.03
N ARG A 66 9.77 6.28 23.76
CA ARG A 66 8.87 5.19 23.40
C ARG A 66 8.00 5.54 22.19
N LEU A 67 8.06 4.69 21.17
CA LEU A 67 7.34 4.93 19.93
C LEU A 67 6.29 3.86 19.59
N GLN A 68 5.06 4.31 19.39
CA GLN A 68 3.99 3.47 18.88
C GLN A 68 3.93 3.68 17.37
N LEU A 69 3.86 2.58 16.61
CA LEU A 69 3.83 2.70 15.16
C LEU A 69 2.58 2.07 14.56
N TRP A 70 1.81 2.86 13.83
CA TRP A 70 0.61 2.37 13.15
C TRP A 70 0.84 2.28 11.65
N ASP A 71 0.91 1.06 11.13
CA ASP A 71 1.10 0.83 9.70
C ASP A 71 -0.24 0.68 8.99
N THR A 72 -0.68 1.74 8.31
CA THR A 72 -1.98 1.73 7.63
C THR A 72 -1.92 1.04 6.28
N ALA A 73 -3.08 0.70 5.75
CA ALA A 73 -3.18 0.05 4.46
C ALA A 73 -3.27 1.07 3.33
N GLY A 74 -2.47 0.88 2.29
CA GLY A 74 -2.61 1.68 1.09
C GLY A 74 -3.79 1.12 0.32
N LEU A 75 -4.17 -0.10 0.67
CA LEU A 75 -5.30 -0.79 0.06
C LEU A 75 -6.60 -0.03 0.33
N GLU A 76 -7.47 0.01 -0.68
CA GLU A 76 -8.62 0.91 -0.64
C GLU A 76 -9.78 0.40 0.23
N ARG A 77 -9.94 -0.91 0.32
CA ARG A 77 -10.96 -1.50 1.19
C ARG A 77 -10.76 -1.12 2.65
N PHE A 78 -9.51 -1.13 3.10
CA PHE A 78 -9.19 -0.96 4.52
C PHE A 78 -8.74 0.45 4.86
N ARG A 79 -9.59 1.45 4.56
CA ARG A 79 -9.23 2.84 4.83
C ARG A 79 -10.17 3.50 5.83
N SER A 80 -11.33 2.89 6.05
CA SER A 80 -12.33 3.44 6.95
C SER A 80 -11.78 3.65 8.37
N LEU A 81 -10.83 2.82 8.77
CA LEU A 81 -10.24 2.89 10.10
C LEU A 81 -9.30 4.08 10.24
N ILE A 82 -8.61 4.41 9.15
CA ILE A 82 -7.54 5.41 9.16
C ILE A 82 -7.85 6.70 9.91
N PRO A 83 -8.95 7.38 9.55
CA PRO A 83 -9.23 8.69 10.16
C PRO A 83 -9.21 8.62 11.68
N SER A 84 -9.79 7.55 12.23
CA SER A 84 -9.86 7.37 13.67
C SER A 84 -8.46 7.32 14.30
N TYR A 85 -7.49 6.77 13.58
CA TYR A 85 -6.13 6.64 14.09
C TYR A 85 -5.31 7.93 13.92
N ILE A 86 -5.56 8.66 12.84
CA ILE A 86 -4.90 9.94 12.62
C ILE A 86 -5.20 10.85 13.80
N ARG A 87 -6.43 10.76 14.28
CA ARG A 87 -6.89 11.56 15.41
C ARG A 87 -6.13 11.19 16.69
N ASP A 88 -5.64 9.96 16.72
CA ASP A 88 -5.00 9.40 17.92
C ASP A 88 -3.48 9.56 17.90
N SER A 89 -2.92 9.76 16.71
CA SER A 89 -1.46 9.82 16.55
C SER A 89 -0.94 11.25 16.54
N THR A 90 0.20 11.45 17.19
CA THR A 90 0.77 12.79 17.32
C THR A 90 1.74 13.13 16.18
N VAL A 91 1.99 12.17 15.31
CA VAL A 91 2.90 12.36 14.18
C VAL A 91 2.46 11.56 12.95
N ALA A 92 2.62 12.14 11.77
CA ALA A 92 2.22 11.48 10.54
C ALA A 92 3.34 11.44 9.51
N VAL A 93 3.63 10.24 9.00
CA VAL A 93 4.63 10.07 7.97
C VAL A 93 3.95 9.73 6.64
N VAL A 94 4.01 10.67 5.69
CA VAL A 94 3.38 10.47 4.39
C VAL A 94 4.41 10.02 3.37
N VAL A 95 4.23 8.82 2.83
CA VAL A 95 5.24 8.21 1.97
C VAL A 95 4.81 8.10 0.52
N TYR A 96 5.72 8.43 -0.39
CA TYR A 96 5.48 8.24 -1.81
C TYR A 96 6.64 7.49 -2.51
N ASP A 97 6.40 7.08 -3.74
CA ASP A 97 7.38 6.33 -4.52
C ASP A 97 7.91 7.22 -5.64
N ILE A 98 9.21 7.49 -5.62
CA ILE A 98 9.81 8.44 -6.58
C ILE A 98 9.82 7.93 -8.03
N THR A 99 9.55 6.65 -8.23
CA THR A 99 9.46 6.09 -9.58
C THR A 99 8.01 5.99 -10.02
N ASN A 100 7.12 6.58 -9.22
CA ASN A 100 5.69 6.56 -9.50
C ASN A 100 5.10 7.95 -9.31
N VAL A 101 4.69 8.57 -10.40
CA VAL A 101 4.20 9.95 -10.37
C VAL A 101 2.89 10.09 -9.59
N ASN A 102 1.99 9.14 -9.79
CA ASN A 102 0.70 9.19 -9.11
C ASN A 102 0.82 9.18 -7.59
N SER A 103 1.56 8.21 -7.06
CA SER A 103 1.74 8.08 -5.62
C SER A 103 2.29 9.35 -4.99
N PHE A 104 2.97 10.16 -5.80
CA PHE A 104 3.47 11.46 -5.34
C PHE A 104 2.38 12.52 -5.32
N GLN A 105 1.54 12.53 -6.36
CA GLN A 105 0.43 13.47 -6.42
C GLN A 105 -0.53 13.27 -5.26
N GLN A 106 -0.77 12.00 -4.94
CA GLN A 106 -1.72 11.62 -3.90
C GLN A 106 -1.29 12.00 -2.47
N THR A 107 -0.05 12.44 -2.30
CA THR A 107 0.41 12.84 -0.98
C THR A 107 -0.37 14.06 -0.49
N THR A 108 -0.96 14.80 -1.43
CA THR A 108 -1.79 15.95 -1.10
C THR A 108 -3.04 15.48 -0.35
N LYS A 109 -3.62 14.39 -0.84
CA LYS A 109 -4.78 13.77 -0.20
C LYS A 109 -4.51 13.46 1.27
N TRP A 110 -3.39 12.78 1.53
CA TRP A 110 -3.09 12.28 2.86
C TRP A 110 -2.77 13.38 3.86
N ILE A 111 -2.24 14.49 3.38
CA ILE A 111 -1.97 15.63 4.25
C ILE A 111 -3.27 16.39 4.56
N ASP A 112 -4.14 16.52 3.56
CA ASP A 112 -5.46 17.09 3.78
C ASP A 112 -6.20 16.33 4.87
N ASP A 113 -6.18 14.99 4.75
CA ASP A 113 -6.86 14.12 5.69
C ASP A 113 -6.35 14.35 7.11
N VAL A 114 -5.08 14.72 7.22
CA VAL A 114 -4.44 14.94 8.52
C VAL A 114 -4.76 16.31 9.07
N ARG A 115 -4.71 17.33 8.21
CA ARG A 115 -5.06 18.68 8.62
C ARG A 115 -6.49 18.70 9.14
N THR A 116 -7.32 17.82 8.60
CA THR A 116 -8.73 17.75 8.97
C THR A 116 -8.94 17.25 10.40
N GLU A 117 -8.05 16.36 10.84
CA GLU A 117 -8.18 15.72 12.14
C GLU A 117 -7.40 16.45 13.25
N ARG A 118 -6.40 17.23 12.88
CA ARG A 118 -5.50 17.82 13.86
C ARG A 118 -5.00 19.22 13.51
N GLY A 119 -5.29 19.68 12.29
CA GLY A 119 -4.87 21.00 11.85
C GLY A 119 -3.36 21.19 11.92
N SER A 120 -2.91 22.12 12.74
CA SER A 120 -1.49 22.38 12.90
C SER A 120 -0.93 21.72 14.16
N ASP A 121 -1.80 21.04 14.89
CA ASP A 121 -1.39 20.34 16.11
C ASP A 121 -0.83 18.96 15.80
N VAL A 122 0.06 18.90 14.82
CA VAL A 122 0.63 17.63 14.39
C VAL A 122 1.95 17.83 13.64
N ILE A 123 2.87 16.88 13.81
CA ILE A 123 4.14 16.88 13.09
C ILE A 123 4.05 15.98 11.87
N ILE A 124 4.35 16.53 10.70
CA ILE A 124 4.20 15.80 9.45
C ILE A 124 5.49 15.70 8.64
N MET A 125 5.77 14.51 8.13
CA MET A 125 6.96 14.25 7.33
C MET A 125 6.63 13.64 5.98
N LEU A 126 7.02 14.32 4.91
CA LEU A 126 6.89 13.79 3.56
C LEU A 126 8.13 12.97 3.21
N VAL A 127 7.93 11.79 2.63
CA VAL A 127 9.03 10.88 2.37
C VAL A 127 9.02 10.34 0.94
N GLY A 128 10.12 10.55 0.22
CA GLY A 128 10.29 10.03 -1.13
C GLY A 128 11.12 8.76 -1.14
N ASN A 129 10.45 7.61 -1.09
CA ASN A 129 11.11 6.33 -0.95
C ASN A 129 11.58 5.70 -2.26
N LYS A 130 12.48 4.73 -2.15
CA LYS A 130 13.03 3.99 -3.28
C LYS A 130 14.09 4.76 -4.06
N THR A 131 15.01 5.40 -3.35
CA THR A 131 16.06 6.18 -4.00
C THR A 131 17.07 5.30 -4.75
N ASP A 132 17.15 4.04 -4.35
CA ASP A 132 18.03 3.09 -5.02
C ASP A 132 17.62 2.86 -6.46
N LEU A 133 16.41 3.29 -6.80
CA LEU A 133 15.90 3.22 -8.17
C LEU A 133 15.99 4.59 -8.81
N ALA A 134 17.16 5.22 -8.74
CA ALA A 134 17.34 6.55 -9.30
C ALA A 134 17.24 6.55 -10.82
N ASP A 135 17.52 5.41 -11.44
CA ASP A 135 17.41 5.26 -12.89
C ASP A 135 15.99 5.45 -13.37
N LYS A 136 15.04 4.88 -12.63
CA LYS A 136 13.63 4.86 -13.02
C LYS A 136 12.85 6.02 -12.40
N ARG A 137 13.56 7.04 -11.94
CA ARG A 137 12.95 8.17 -11.24
C ARG A 137 12.05 9.01 -12.14
N GLN A 138 10.87 9.36 -11.63
CA GLN A 138 9.90 10.19 -12.35
C GLN A 138 9.71 11.51 -11.63
N VAL A 139 9.87 11.49 -10.31
CA VAL A 139 9.75 12.69 -9.50
C VAL A 139 11.13 13.21 -9.11
N SER A 140 11.36 14.51 -9.33
CA SER A 140 12.64 15.11 -8.99
C SER A 140 12.69 15.47 -7.51
N ILE A 141 13.88 15.80 -7.02
CA ILE A 141 14.04 16.20 -5.62
C ILE A 141 13.45 17.60 -5.39
N GLU A 142 13.54 18.44 -6.41
CA GLU A 142 13.03 19.81 -6.32
C GLU A 142 11.51 19.82 -6.18
N GLU A 143 10.84 18.99 -6.95
CA GLU A 143 9.38 18.89 -6.87
C GLU A 143 8.96 18.48 -5.46
N GLY A 144 9.73 17.58 -4.86
CA GLY A 144 9.47 17.10 -3.51
C GLY A 144 9.75 18.15 -2.45
N GLU A 145 10.92 18.77 -2.54
CA GLU A 145 11.30 19.81 -1.59
C GLU A 145 10.36 21.02 -1.69
N ARG A 146 9.93 21.32 -2.91
CA ARG A 146 9.00 22.41 -3.17
C ARG A 146 7.64 22.16 -2.50
N LYS A 147 7.06 21.01 -2.81
CA LYS A 147 5.77 20.60 -2.24
C LYS A 147 5.78 20.59 -0.72
N ALA A 148 6.89 20.16 -0.12
CA ALA A 148 7.00 20.09 1.34
C ALA A 148 6.87 21.48 1.96
N LYS A 149 7.64 22.43 1.46
CA LYS A 149 7.56 23.81 1.94
C LYS A 149 6.18 24.39 1.64
N GLU A 150 5.64 24.01 0.48
CA GLU A 150 4.31 24.44 0.06
C GLU A 150 3.26 24.15 1.14
N LEU A 151 3.24 22.91 1.63
CA LEU A 151 2.26 22.50 2.62
C LEU A 151 2.82 22.56 4.04
N ASN A 152 3.96 23.23 4.19
CA ASN A 152 4.59 23.42 5.49
C ASN A 152 4.77 22.12 6.27
N VAL A 153 5.51 21.18 5.69
CA VAL A 153 5.86 19.93 6.37
C VAL A 153 7.30 19.54 6.05
N MET A 154 7.89 18.69 6.89
CA MET A 154 9.27 18.27 6.69
C MET A 154 9.40 17.35 5.47
N PHE A 155 10.61 17.23 4.92
CA PHE A 155 10.84 16.38 3.77
C PHE A 155 12.16 15.61 3.86
N ILE A 156 12.19 14.44 3.25
CA ILE A 156 13.39 13.60 3.21
C ILE A 156 13.19 12.42 2.25
N GLU A 157 14.20 12.14 1.45
CA GLU A 157 14.17 10.97 0.57
C GLU A 157 14.91 9.80 1.23
N THR A 158 14.46 8.59 0.96
CA THR A 158 15.00 7.41 1.62
C THR A 158 15.06 6.20 0.69
N SER A 159 15.76 5.16 1.12
CA SER A 159 15.68 3.86 0.49
C SER A 159 15.59 2.77 1.56
N ALA A 160 14.45 2.10 1.62
CA ALA A 160 14.25 1.06 2.61
C ALA A 160 15.05 -0.18 2.25
N LYS A 161 15.28 -0.38 0.96
CA LYS A 161 16.06 -1.52 0.49
C LYS A 161 17.52 -1.36 0.89
N ALA A 162 18.06 -0.17 0.68
CA ALA A 162 19.48 0.10 0.94
C ALA A 162 19.77 0.53 2.38
N GLY A 163 18.72 0.83 3.15
CA GLY A 163 18.91 1.30 4.51
C GLY A 163 19.28 2.77 4.57
N TYR A 164 19.26 3.43 3.42
CA TYR A 164 19.63 4.84 3.33
C TYR A 164 18.60 5.79 3.97
N ASN A 165 19.08 6.64 4.86
CA ASN A 165 18.26 7.68 5.49
C ASN A 165 17.06 7.19 6.31
N VAL A 166 17.00 5.90 6.59
CA VAL A 166 15.88 5.36 7.35
C VAL A 166 16.00 5.69 8.85
N LYS A 167 17.21 5.59 9.39
CA LYS A 167 17.44 6.03 10.76
C LYS A 167 17.35 7.54 10.84
N GLN A 168 17.96 8.23 9.87
CA GLN A 168 17.89 9.68 9.78
C GLN A 168 16.47 10.20 9.88
N LEU A 169 15.54 9.47 9.25
CA LEU A 169 14.14 9.85 9.25
C LEU A 169 13.55 9.95 10.65
N PHE A 170 13.62 8.84 11.39
CA PHE A 170 13.05 8.79 12.74
C PHE A 170 13.79 9.70 13.71
N ARG A 171 15.09 9.90 13.48
CA ARG A 171 15.89 10.77 14.31
C ARG A 171 15.41 12.22 14.21
N ARG A 172 15.01 12.63 13.02
CA ARG A 172 14.54 14.00 12.79
C ARG A 172 13.14 14.23 13.35
N VAL A 173 12.35 13.17 13.41
CA VAL A 173 11.00 13.25 13.94
C VAL A 173 11.00 13.39 15.46
N ALA A 174 11.90 12.66 16.11
CA ALA A 174 12.05 12.72 17.55
C ALA A 174 12.62 14.07 17.99
N ALA A 175 13.26 14.76 17.06
CA ALA A 175 13.88 16.05 17.35
C ALA A 175 12.89 17.21 17.25
N ALA A 176 11.66 16.89 16.88
CA ALA A 176 10.65 17.92 16.71
C ALA A 176 9.46 17.73 17.67
N LEU A 177 9.71 17.05 18.79
CA LEU A 177 8.67 16.77 19.77
C LEU A 177 8.82 17.62 21.03
N PHE B 17 -16.46 -7.66 36.30
CA PHE B 17 -17.14 -8.94 36.47
C PHE B 17 -17.39 -9.61 35.11
N LYS B 18 -16.64 -10.67 34.80
CA LYS B 18 -16.58 -11.21 33.43
C LYS B 18 -17.19 -12.60 33.23
N LEU B 19 -17.90 -12.77 32.13
CA LEU B 19 -18.52 -14.06 31.77
C LEU B 19 -18.11 -14.52 30.38
N VAL B 20 -18.04 -15.83 30.19
CA VAL B 20 -17.64 -16.41 28.90
C VAL B 20 -18.56 -17.54 28.46
N PHE B 21 -19.05 -17.45 27.23
CA PHE B 21 -20.00 -18.43 26.73
C PHE B 21 -19.34 -19.49 25.85
N LEU B 22 -19.39 -20.73 26.32
CA LEU B 22 -18.76 -21.84 25.64
C LEU B 22 -19.79 -22.85 25.19
N GLY B 23 -19.46 -23.60 24.14
CA GLY B 23 -20.34 -24.64 23.65
C GLY B 23 -20.17 -24.90 22.17
N GLU B 24 -20.77 -25.99 21.71
CA GLU B 24 -20.68 -26.39 20.31
C GLU B 24 -21.33 -25.36 19.38
N GLN B 25 -21.27 -25.63 18.08
CA GLN B 25 -21.76 -24.72 17.06
C GLN B 25 -23.30 -24.68 17.00
N SER B 26 -23.85 -23.49 16.79
CA SER B 26 -25.29 -23.25 16.69
C SER B 26 -26.16 -23.84 17.80
N VAL B 27 -25.68 -23.79 19.04
CA VAL B 27 -26.47 -24.20 20.21
C VAL B 27 -27.34 -23.05 20.69
N GLY B 28 -26.88 -21.82 20.47
CA GLY B 28 -27.64 -20.64 20.82
C GLY B 28 -26.91 -19.68 21.74
N LYS B 29 -25.57 -19.74 21.74
CA LYS B 29 -24.78 -18.85 22.58
C LYS B 29 -25.03 -17.39 22.19
N THR B 30 -24.80 -17.09 20.92
CA THR B 30 -25.02 -15.74 20.40
C THR B 30 -26.46 -15.30 20.66
N SER B 31 -27.39 -16.26 20.57
CA SER B 31 -28.82 -15.97 20.71
C SER B 31 -29.25 -15.63 22.13
N LEU B 32 -28.67 -16.33 23.10
CA LEU B 32 -29.00 -16.12 24.52
C LEU B 32 -28.50 -14.77 24.98
N ILE B 33 -27.37 -14.34 24.43
CA ILE B 33 -26.82 -13.03 24.74
C ILE B 33 -27.68 -11.91 24.17
N THR B 34 -28.19 -12.11 22.96
CA THR B 34 -29.07 -11.13 22.32
C THR B 34 -30.39 -10.99 23.06
N ARG B 35 -31.01 -12.12 23.39
CA ARG B 35 -32.28 -12.14 24.12
C ARG B 35 -32.16 -11.39 25.45
N PHE B 36 -30.94 -11.31 25.96
CA PHE B 36 -30.68 -10.67 27.25
C PHE B 36 -30.29 -9.20 27.11
N MET B 37 -29.38 -8.93 26.18
CA MET B 37 -28.87 -7.58 25.95
C MET B 37 -29.90 -6.64 25.31
N TYR B 38 -30.63 -7.16 24.33
CA TYR B 38 -31.50 -6.32 23.50
C TYR B 38 -32.93 -6.85 23.47
N ASP B 39 -33.16 -7.97 24.13
CA ASP B 39 -34.47 -8.61 24.17
C ASP B 39 -35.02 -8.83 22.77
N SER B 40 -34.18 -9.31 21.86
CA SER B 40 -34.62 -9.63 20.52
C SER B 40 -34.19 -11.04 20.16
N PHE B 41 -34.63 -11.52 18.99
CA PHE B 41 -34.23 -12.83 18.52
C PHE B 41 -34.20 -12.87 16.99
N ASP B 42 -33.21 -13.55 16.44
CA ASP B 42 -33.10 -13.68 15.00
C ASP B 42 -33.02 -15.16 14.61
N ASN B 43 -33.92 -15.56 13.72
CA ASN B 43 -33.94 -16.94 13.23
C ASN B 43 -32.77 -17.23 12.30
N THR B 44 -32.37 -16.23 11.52
CA THR B 44 -31.22 -16.34 10.63
C THR B 44 -29.95 -16.64 11.42
N TYR B 45 -29.32 -17.77 11.10
CA TYR B 45 -28.12 -18.19 11.81
C TYR B 45 -26.84 -17.56 11.27
N GLN B 46 -26.04 -16.98 12.16
CA GLN B 46 -24.71 -16.50 11.80
C GLN B 46 -23.65 -17.01 12.75
N ALA B 47 -22.73 -17.81 12.21
CA ALA B 47 -21.66 -18.38 13.00
C ALA B 47 -20.80 -17.27 13.60
N THR B 48 -20.59 -17.36 14.91
CA THR B 48 -19.76 -16.40 15.60
C THR B 48 -18.30 -16.58 15.19
N ILE B 49 -17.67 -15.47 14.79
CA ILE B 49 -16.27 -15.49 14.38
C ILE B 49 -15.39 -14.84 15.43
N GLY B 50 -14.33 -15.54 15.82
CA GLY B 50 -13.43 -15.02 16.84
C GLY B 50 -14.10 -14.96 18.19
N ILE B 51 -14.22 -13.76 18.75
CA ILE B 51 -14.86 -13.56 20.04
C ILE B 51 -15.53 -12.19 20.13
N ASP B 52 -16.82 -12.14 19.83
CA ASP B 52 -17.58 -10.88 19.92
C ASP B 52 -17.62 -10.42 21.38
N PHE B 53 -17.62 -9.11 21.61
CA PHE B 53 -17.70 -8.58 22.96
C PHE B 53 -18.90 -7.68 23.18
N LEU B 54 -19.66 -7.97 24.25
CA LEU B 54 -20.80 -7.17 24.62
C LEU B 54 -20.80 -6.87 26.11
N SER B 55 -21.21 -5.66 26.48
CA SER B 55 -21.24 -5.27 27.88
C SER B 55 -22.46 -4.42 28.17
N LYS B 56 -23.08 -4.64 29.32
CA LYS B 56 -24.22 -3.85 29.76
C LYS B 56 -24.29 -3.88 31.28
N THR B 57 -24.38 -2.72 31.92
CA THR B 57 -24.47 -2.70 33.38
C THR B 57 -25.90 -2.96 33.80
N MET B 58 -26.32 -4.23 33.75
CA MET B 58 -27.68 -4.56 34.12
C MET B 58 -27.81 -4.49 35.65
N TYR B 59 -28.54 -3.49 36.14
CA TYR B 59 -28.79 -3.36 37.58
C TYR B 59 -29.64 -4.53 38.05
N LEU B 60 -28.97 -5.65 38.31
CA LEU B 60 -29.64 -6.92 38.56
C LEU B 60 -29.79 -7.22 40.06
N GLU B 61 -31.03 -7.38 40.51
CA GLU B 61 -31.33 -7.88 41.84
C GLU B 61 -31.01 -6.92 42.99
N ASP B 62 -31.96 -6.03 43.29
CA ASP B 62 -31.84 -5.08 44.42
C ASP B 62 -30.46 -4.43 44.54
N ARG B 63 -29.66 -4.51 43.48
CA ARG B 63 -28.34 -3.90 43.48
C ARG B 63 -27.71 -3.88 42.08
N THR B 64 -26.55 -3.23 41.98
CA THR B 64 -25.95 -2.92 40.69
C THR B 64 -24.78 -3.81 40.36
N VAL B 65 -24.68 -4.22 39.10
CA VAL B 65 -23.57 -5.06 38.64
C VAL B 65 -23.14 -4.77 37.19
N ARG B 66 -21.83 -4.72 36.97
CA ARG B 66 -21.29 -4.54 35.63
C ARG B 66 -20.84 -5.88 35.06
N LEU B 67 -21.33 -6.21 33.87
CA LEU B 67 -21.02 -7.50 33.25
C LEU B 67 -20.31 -7.38 31.91
N GLN B 68 -19.16 -8.04 31.80
CA GLN B 68 -18.46 -8.20 30.54
C GLN B 68 -18.87 -9.54 29.95
N LEU B 69 -19.21 -9.57 28.67
CA LEU B 69 -19.65 -10.81 28.04
C LEU B 69 -18.78 -11.18 26.86
N TRP B 70 -18.18 -12.37 26.92
CA TRP B 70 -17.35 -12.88 25.84
C TRP B 70 -18.06 -14.00 25.09
N ASP B 71 -18.46 -13.73 23.85
CA ASP B 71 -19.15 -14.71 23.02
C ASP B 71 -18.14 -15.47 22.16
N THR B 72 -17.81 -16.69 22.56
CA THR B 72 -16.83 -17.50 21.83
C THR B 72 -17.43 -18.18 20.61
N ALA B 73 -16.55 -18.67 19.74
CA ALA B 73 -16.98 -19.38 18.54
C ALA B 73 -17.13 -20.87 18.81
N GLY B 74 -18.25 -21.44 18.38
CA GLY B 74 -18.40 -22.89 18.39
C GLY B 74 -17.62 -23.43 17.22
N LEU B 75 -17.32 -22.55 16.27
CA LEU B 75 -16.57 -22.88 15.07
C LEU B 75 -15.16 -23.35 15.43
N GLU B 76 -14.67 -24.36 14.71
CA GLU B 76 -13.46 -25.05 15.12
C GLU B 76 -12.16 -24.31 14.80
N ARG B 77 -12.17 -23.52 13.72
CA ARG B 77 -11.02 -22.70 13.36
C ARG B 77 -10.66 -21.69 14.44
N PHE B 78 -11.69 -21.07 15.03
CA PHE B 78 -11.49 -19.96 15.96
C PHE B 78 -11.61 -20.38 17.42
N ARG B 79 -10.78 -21.34 17.83
CA ARG B 79 -10.82 -21.83 19.20
C ARG B 79 -9.52 -21.57 19.96
N SER B 80 -8.46 -21.28 19.23
CA SER B 80 -7.14 -21.05 19.83
C SER B 80 -7.15 -19.91 20.86
N LEU B 81 -8.03 -18.94 20.65
CA LEU B 81 -8.14 -17.79 21.54
C LEU B 81 -8.81 -18.15 22.86
N ILE B 82 -9.75 -19.09 22.80
CA ILE B 82 -10.61 -19.41 23.95
C ILE B 82 -9.89 -19.59 25.29
N PRO B 83 -8.89 -20.49 25.34
CA PRO B 83 -8.24 -20.78 26.62
C PRO B 83 -7.76 -19.51 27.31
N SER B 84 -7.20 -18.58 26.54
CA SER B 84 -6.69 -17.34 27.07
C SER B 84 -7.79 -16.52 27.76
N TYR B 85 -9.01 -16.59 27.24
CA TYR B 85 -10.13 -15.84 27.80
C TYR B 85 -10.77 -16.54 29.00
N ILE B 86 -10.77 -17.87 29.00
CA ILE B 86 -11.27 -18.62 30.14
C ILE B 86 -10.49 -18.23 31.38
N ARG B 87 -9.18 -18.05 31.19
CA ARG B 87 -8.28 -17.67 32.26
C ARG B 87 -8.63 -16.28 32.80
N ASP B 88 -9.25 -15.47 31.95
CA ASP B 88 -9.53 -14.07 32.27
C ASP B 88 -10.93 -13.88 32.85
N SER B 89 -11.81 -14.83 32.59
CA SER B 89 -13.22 -14.71 32.99
C SER B 89 -13.51 -15.40 34.32
N THR B 90 -14.33 -14.76 35.14
CA THR B 90 -14.63 -15.28 36.47
C THR B 90 -15.85 -16.21 36.47
N VAL B 91 -16.52 -16.32 35.33
CA VAL B 91 -17.71 -17.15 35.20
C VAL B 91 -17.80 -17.80 33.81
N ALA B 92 -18.27 -19.03 33.76
CA ALA B 92 -18.40 -19.74 32.49
C ALA B 92 -19.80 -20.32 32.29
N VAL B 93 -20.40 -20.00 31.15
CA VAL B 93 -21.71 -20.54 30.79
C VAL B 93 -21.55 -21.56 29.67
N VAL B 94 -21.78 -22.83 29.99
CA VAL B 94 -21.65 -23.90 29.00
C VAL B 94 -23.03 -24.28 28.45
N VAL B 95 -23.21 -24.08 27.14
CA VAL B 95 -24.51 -24.23 26.51
C VAL B 95 -24.61 -25.43 25.57
N TYR B 96 -25.71 -26.16 25.68
CA TYR B 96 -25.97 -27.25 24.74
C TYR B 96 -27.37 -27.17 24.15
N ASP B 97 -27.62 -27.98 23.12
CA ASP B 97 -28.89 -28.00 22.41
C ASP B 97 -29.65 -29.29 22.75
N ILE B 98 -30.82 -29.17 23.36
CA ILE B 98 -31.55 -30.35 23.85
C ILE B 98 -32.11 -31.23 22.73
N THR B 99 -32.10 -30.72 21.50
CA THR B 99 -32.55 -31.51 20.34
C THR B 99 -31.35 -32.12 19.62
N ASN B 100 -30.17 -31.97 20.23
CA ASN B 100 -28.93 -32.46 19.66
C ASN B 100 -28.12 -33.22 20.72
N VAL B 101 -28.01 -34.53 20.57
CA VAL B 101 -27.35 -35.36 21.57
C VAL B 101 -25.85 -35.07 21.68
N ASN B 102 -25.19 -34.90 20.54
CA ASN B 102 -23.76 -34.63 20.53
C ASN B 102 -23.38 -33.37 21.30
N SER B 103 -24.03 -32.25 20.99
CA SER B 103 -23.74 -30.98 21.64
C SER B 103 -23.87 -31.09 23.16
N PHE B 104 -24.67 -32.05 23.62
CA PHE B 104 -24.81 -32.28 25.06
C PHE B 104 -23.64 -33.08 25.63
N GLN B 105 -23.19 -34.09 24.88
CA GLN B 105 -22.04 -34.89 25.29
C GLN B 105 -20.79 -34.03 25.40
N GLN B 106 -20.64 -33.10 24.46
CA GLN B 106 -19.45 -32.26 24.37
C GLN B 106 -19.31 -31.25 25.51
N THR B 107 -20.37 -31.07 26.30
CA THR B 107 -20.30 -30.14 27.43
C THR B 107 -19.25 -30.59 28.45
N THR B 108 -18.90 -31.87 28.41
CA THR B 108 -17.86 -32.41 29.27
C THR B 108 -16.51 -31.80 28.87
N LYS B 109 -16.27 -31.70 27.56
CA LYS B 109 -15.08 -31.07 27.02
C LYS B 109 -14.89 -29.66 27.58
N TRP B 110 -15.93 -28.85 27.48
CA TRP B 110 -15.86 -27.45 27.81
C TRP B 110 -15.66 -27.19 29.30
N ILE B 111 -16.16 -28.10 30.13
CA ILE B 111 -15.97 -27.96 31.57
C ILE B 111 -14.55 -28.39 31.97
N ASP B 112 -14.05 -29.44 31.32
CA ASP B 112 -12.67 -29.85 31.50
C ASP B 112 -11.73 -28.69 31.19
N ASP B 113 -11.97 -28.05 30.04
CA ASP B 113 -11.14 -26.94 29.59
C ASP B 113 -11.12 -25.82 30.63
N VAL B 114 -12.23 -25.66 31.36
CA VAL B 114 -12.37 -24.61 32.35
C VAL B 114 -11.70 -24.99 33.68
N ARG B 115 -11.88 -26.24 34.08
CA ARG B 115 -11.22 -26.75 35.29
C ARG B 115 -9.72 -26.63 35.15
N THR B 116 -9.23 -26.74 33.92
CA THR B 116 -7.81 -26.68 33.63
C THR B 116 -7.23 -25.29 33.84
N GLU B 117 -8.03 -24.26 33.60
CA GLU B 117 -7.58 -22.89 33.68
C GLU B 117 -7.83 -22.24 35.05
N ARG B 118 -8.78 -22.77 35.79
CA ARG B 118 -9.20 -22.12 37.04
C ARG B 118 -9.57 -23.08 38.16
N GLY B 119 -9.66 -24.38 37.85
CA GLY B 119 -10.01 -25.38 38.83
C GLY B 119 -11.38 -25.13 39.46
N SER B 120 -11.39 -24.90 40.77
CA SER B 120 -12.63 -24.63 41.49
C SER B 120 -12.83 -23.13 41.73
N ASP B 121 -11.87 -22.33 41.28
CA ASP B 121 -11.95 -20.88 41.43
C ASP B 121 -12.77 -20.26 40.30
N VAL B 122 -13.94 -20.84 40.04
CA VAL B 122 -14.79 -20.36 38.96
C VAL B 122 -16.24 -20.80 39.14
N ILE B 123 -17.17 -19.96 38.72
CA ILE B 123 -18.59 -20.29 38.74
C ILE B 123 -19.03 -20.80 37.38
N ILE B 124 -19.63 -21.99 37.34
CA ILE B 124 -20.00 -22.61 36.08
C ILE B 124 -21.49 -22.95 35.99
N MET B 125 -22.08 -22.66 34.83
CA MET B 125 -23.49 -22.92 34.60
C MET B 125 -23.71 -23.74 33.33
N LEU B 126 -24.34 -24.91 33.49
CA LEU B 126 -24.73 -25.72 32.35
C LEU B 126 -26.12 -25.28 31.87
N VAL B 127 -26.30 -25.15 30.57
CA VAL B 127 -27.54 -24.62 30.01
C VAL B 127 -28.08 -25.47 28.86
N GLY B 128 -29.32 -25.95 29.02
CA GLY B 128 -29.98 -26.71 27.98
C GLY B 128 -30.95 -25.87 27.18
N ASN B 129 -30.47 -25.32 26.07
CA ASN B 129 -31.22 -24.36 25.28
C ASN B 129 -32.17 -24.98 24.25
N LYS B 130 -33.12 -24.16 23.80
CA LYS B 130 -34.11 -24.56 22.78
C LYS B 130 -35.25 -25.40 23.35
N THR B 131 -35.78 -25.00 24.50
CA THR B 131 -36.87 -25.76 25.13
C THR B 131 -38.17 -25.68 24.34
N ASP B 132 -38.29 -24.65 23.51
CA ASP B 132 -39.48 -24.47 22.68
C ASP B 132 -39.59 -25.58 21.64
N LEU B 133 -38.51 -26.33 21.47
CA LEU B 133 -38.51 -27.50 20.59
C LEU B 133 -38.62 -28.78 21.43
N ALA B 134 -39.60 -28.83 22.32
CA ALA B 134 -39.77 -29.98 23.20
C ALA B 134 -40.15 -31.24 22.42
N ASP B 135 -40.78 -31.04 21.27
CA ASP B 135 -41.18 -32.15 20.41
C ASP B 135 -39.96 -32.92 19.91
N LYS B 136 -38.92 -32.20 19.51
CA LYS B 136 -37.74 -32.78 18.89
C LYS B 136 -36.64 -33.08 19.92
N ARG B 137 -37.01 -33.13 21.19
CA ARG B 137 -36.04 -33.32 22.27
C ARG B 137 -35.39 -34.71 22.26
N GLN B 138 -34.07 -34.72 22.44
CA GLN B 138 -33.28 -35.95 22.49
C GLN B 138 -32.70 -36.15 23.88
N VAL B 139 -32.42 -35.04 24.56
CA VAL B 139 -31.87 -35.07 25.90
C VAL B 139 -32.95 -34.77 26.91
N SER B 140 -33.07 -35.62 27.94
CA SER B 140 -34.06 -35.41 28.98
C SER B 140 -33.56 -34.41 30.02
N ILE B 141 -34.46 -33.95 30.88
CA ILE B 141 -34.08 -33.03 31.94
C ILE B 141 -33.27 -33.72 33.02
N GLU B 142 -33.58 -35.00 33.26
CA GLU B 142 -32.88 -35.80 34.26
C GLU B 142 -31.41 -35.97 33.89
N GLU B 143 -31.14 -36.28 32.62
CA GLU B 143 -29.78 -36.46 32.15
C GLU B 143 -28.97 -35.18 32.38
N GLY B 144 -29.64 -34.04 32.16
CA GLY B 144 -29.01 -32.74 32.35
C GLY B 144 -28.78 -32.40 33.81
N GLU B 145 -29.81 -32.58 34.64
CA GLU B 145 -29.70 -32.32 36.07
C GLU B 145 -28.69 -33.26 36.74
N ARG B 146 -28.65 -34.51 36.26
CA ARG B 146 -27.71 -35.51 36.75
C ARG B 146 -26.26 -35.10 36.46
N LYS B 147 -25.98 -34.80 35.19
CA LYS B 147 -24.65 -34.39 34.75
C LYS B 147 -24.15 -33.16 35.49
N ALA B 148 -25.06 -32.22 35.76
CA ALA B 148 -24.69 -30.99 36.46
C ALA B 148 -24.16 -31.28 37.86
N LYS B 149 -24.90 -32.06 38.63
CA LYS B 149 -24.47 -32.45 39.97
C LYS B 149 -23.20 -33.29 39.88
N GLU B 150 -23.13 -34.13 38.85
CA GLU B 150 -21.97 -34.97 38.60
C GLU B 150 -20.69 -34.16 38.58
N LEU B 151 -20.69 -33.07 37.80
CA LEU B 151 -19.51 -32.23 37.64
C LEU B 151 -19.54 -31.02 38.56
N ASN B 152 -20.46 -31.04 39.52
CA ASN B 152 -20.59 -29.96 40.51
C ASN B 152 -20.69 -28.56 39.89
N VAL B 153 -21.70 -28.36 39.05
CA VAL B 153 -21.98 -27.06 38.46
C VAL B 153 -23.49 -26.82 38.40
N MET B 154 -23.89 -25.55 38.30
CA MET B 154 -25.31 -25.20 38.26
C MET B 154 -25.95 -25.63 36.95
N PHE B 155 -27.27 -25.77 36.95
CA PHE B 155 -28.00 -26.20 35.75
C PHE B 155 -29.31 -25.44 35.55
N ILE B 156 -29.70 -25.27 34.30
CA ILE B 156 -30.94 -24.60 33.95
C ILE B 156 -31.24 -24.75 32.46
N GLU B 157 -32.49 -25.03 32.12
CA GLU B 157 -32.92 -25.10 30.73
C GLU B 157 -33.54 -23.78 30.31
N THR B 158 -33.38 -23.41 29.05
CA THR B 158 -33.84 -22.12 28.56
C THR B 158 -34.36 -22.19 27.13
N SER B 159 -35.02 -21.12 26.70
CA SER B 159 -35.35 -20.93 25.29
C SER B 159 -35.07 -19.48 24.91
N ALA B 160 -34.09 -19.28 24.04
CA ALA B 160 -33.73 -17.93 23.62
C ALA B 160 -34.75 -17.38 22.66
N LYS B 161 -35.41 -18.27 21.93
CA LYS B 161 -36.47 -17.86 21.01
C LYS B 161 -37.69 -17.33 21.77
N ALA B 162 -38.09 -18.06 22.81
CA ALA B 162 -39.28 -17.72 23.59
C ALA B 162 -39.01 -16.75 24.74
N GLY B 163 -37.75 -16.50 25.05
CA GLY B 163 -37.40 -15.61 26.15
C GLY B 163 -37.53 -16.31 27.49
N TYR B 164 -37.79 -17.61 27.45
CA TYR B 164 -37.97 -18.40 28.68
C TYR B 164 -36.68 -18.61 29.46
N ASN B 165 -36.70 -18.25 30.74
CA ASN B 165 -35.59 -18.49 31.66
C ASN B 165 -34.26 -17.81 31.32
N VAL B 166 -34.29 -16.87 30.37
CA VAL B 166 -33.08 -16.19 29.97
C VAL B 166 -32.66 -15.14 31.01
N LYS B 167 -33.62 -14.41 31.54
CA LYS B 167 -33.35 -13.49 32.65
C LYS B 167 -33.01 -14.29 33.91
N GLN B 168 -33.81 -15.32 34.18
CA GLN B 168 -33.56 -16.21 35.30
C GLN B 168 -32.12 -16.71 35.35
N LEU B 169 -31.56 -16.99 34.17
CA LEU B 169 -30.19 -17.49 34.06
C LEU B 169 -29.17 -16.52 34.65
N PHE B 170 -29.16 -15.30 34.14
CA PHE B 170 -28.19 -14.29 34.59
C PHE B 170 -28.44 -13.86 36.02
N ARG B 171 -29.69 -13.91 36.44
CA ARG B 171 -30.04 -13.55 37.81
C ARG B 171 -29.42 -14.54 38.81
N ARG B 172 -29.39 -15.81 38.45
CA ARG B 172 -28.84 -16.85 39.32
C ARG B 172 -27.31 -16.80 39.38
N VAL B 173 -26.70 -16.32 38.30
CA VAL B 173 -25.25 -16.21 38.22
C VAL B 173 -24.75 -15.05 39.07
N ALA B 174 -25.48 -13.95 39.06
CA ALA B 174 -25.12 -12.78 39.86
C ALA B 174 -25.33 -13.06 41.36
N ALA B 175 -26.14 -14.07 41.67
CA ALA B 175 -26.42 -14.43 43.05
C ALA B 175 -25.38 -15.36 43.65
N ALA B 176 -24.39 -15.73 42.84
CA ALA B 176 -23.34 -16.64 43.29
C ALA B 176 -21.95 -15.99 43.25
N LEU B 177 -21.91 -14.67 43.32
CA LEU B 177 -20.65 -13.93 43.27
C LEU B 177 -20.26 -13.34 44.62
N PHE C 17 26.32 15.20 -50.06
CA PHE C 17 25.38 16.04 -49.32
C PHE C 17 24.93 15.35 -48.01
N LYS C 18 25.44 15.83 -46.88
CA LYS C 18 25.35 15.09 -45.61
C LYS C 18 24.44 15.72 -44.54
N LEU C 19 23.67 14.88 -43.86
CA LEU C 19 22.78 15.30 -42.77
C LEU C 19 23.04 14.53 -41.49
N VAL C 20 22.83 15.20 -40.35
CA VAL C 20 23.06 14.59 -39.04
C VAL C 20 21.89 14.83 -38.08
N PHE C 21 21.39 13.76 -37.48
CA PHE C 21 20.24 13.85 -36.59
C PHE C 21 20.64 13.88 -35.13
N LEU C 22 20.34 15.01 -34.48
CA LEU C 22 20.70 15.22 -33.08
C LEU C 22 19.46 15.37 -32.22
N GLY C 23 19.57 15.02 -30.95
CA GLY C 23 18.48 15.20 -30.02
C GLY C 23 18.55 14.21 -28.87
N GLU C 24 17.73 14.46 -27.85
CA GLU C 24 17.68 13.61 -26.68
C GLU C 24 17.24 12.18 -27.01
N GLN C 25 17.18 11.34 -25.98
CA GLN C 25 16.86 9.92 -26.14
C GLN C 25 15.37 9.69 -26.42
N SER C 26 15.08 8.73 -27.30
CA SER C 26 13.72 8.35 -27.70
C SER C 26 12.78 9.51 -28.09
N VAL C 27 13.32 10.49 -28.81
CA VAL C 27 12.48 11.56 -29.36
C VAL C 27 11.90 11.15 -30.71
N GLY C 28 12.61 10.28 -31.41
CA GLY C 28 12.14 9.74 -32.68
C GLY C 28 13.08 9.97 -33.85
N LYS C 29 14.36 10.15 -33.55
CA LYS C 29 15.35 10.35 -34.62
C LYS C 29 15.40 9.12 -35.53
N THR C 30 15.67 7.98 -34.92
CA THR C 30 15.72 6.72 -35.66
C THR C 30 14.40 6.52 -36.43
N SER C 31 13.30 6.94 -35.83
CA SER C 31 11.97 6.70 -36.41
C SER C 31 11.66 7.56 -37.62
N LEU C 32 12.11 8.81 -37.58
CA LEU C 32 11.89 9.76 -38.67
C LEU C 32 12.67 9.34 -39.91
N ILE C 33 13.86 8.78 -39.68
CA ILE C 33 14.68 8.29 -40.77
C ILE C 33 14.04 7.06 -41.43
N THR C 34 13.46 6.18 -40.63
CA THR C 34 12.80 4.99 -41.14
C THR C 34 11.55 5.35 -41.96
N ARG C 35 10.73 6.22 -41.42
CA ARG C 35 9.51 6.67 -42.09
C ARG C 35 9.83 7.27 -43.46
N PHE C 36 11.06 7.74 -43.61
CA PHE C 36 11.48 8.41 -44.83
C PHE C 36 12.18 7.45 -45.80
N MET C 37 13.10 6.66 -45.28
CA MET C 37 13.87 5.70 -46.06
C MET C 37 13.05 4.51 -46.57
N TYR C 38 12.21 3.97 -45.70
CA TYR C 38 11.50 2.72 -45.99
C TYR C 38 9.99 2.87 -45.84
N ASP C 39 9.55 4.05 -45.43
CA ASP C 39 8.14 4.33 -45.21
C ASP C 39 7.49 3.31 -44.29
N SER C 40 8.20 2.97 -43.21
CA SER C 40 7.66 2.05 -42.21
C SER C 40 7.78 2.68 -40.82
N PHE C 41 7.20 2.01 -39.83
CA PHE C 41 7.29 2.48 -38.46
C PHE C 41 7.26 1.30 -37.49
N ASP C 42 8.07 1.39 -36.44
CA ASP C 42 8.10 0.35 -35.42
C ASP C 42 7.86 0.95 -34.04
N ASN C 43 6.85 0.41 -33.34
CA ASN C 43 6.52 0.86 -32.00
C ASN C 43 7.57 0.43 -30.98
N THR C 44 8.14 -0.75 -31.19
CA THR C 44 9.21 -1.25 -30.33
C THR C 44 10.41 -0.31 -30.35
N TYR C 45 10.78 0.19 -29.18
CA TYR C 45 11.89 1.14 -29.07
C TYR C 45 13.25 0.45 -29.00
N GLN C 46 14.17 0.89 -29.84
CA GLN C 46 15.56 0.46 -29.73
C GLN C 46 16.52 1.64 -29.71
N ALA C 47 17.23 1.79 -28.60
CA ALA C 47 18.18 2.88 -28.46
C ALA C 47 19.28 2.77 -29.51
N THR C 48 19.51 3.87 -30.21
CA THR C 48 20.55 3.92 -31.22
C THR C 48 21.93 3.86 -30.56
N ILE C 49 22.76 2.94 -31.04
CA ILE C 49 24.11 2.77 -30.51
C ILE C 49 25.14 3.32 -31.48
N GLY C 50 26.04 4.16 -30.98
CA GLY C 50 27.07 4.75 -31.82
C GLY C 50 26.48 5.70 -32.85
N ILE C 51 26.63 5.36 -34.13
CA ILE C 51 26.09 6.19 -35.21
C ILE C 51 25.73 5.36 -36.45
N ASP C 52 24.47 4.94 -36.54
CA ASP C 52 24.00 4.18 -37.70
C ASP C 52 24.11 5.04 -38.95
N PHE C 53 24.39 4.42 -40.09
CA PHE C 53 24.47 5.16 -41.35
C PHE C 53 23.49 4.65 -42.41
N LEU C 54 22.72 5.58 -42.98
CA LEU C 54 21.79 5.26 -44.05
C LEU C 54 21.94 6.25 -45.19
N SER C 55 21.78 5.76 -46.42
CA SER C 55 21.88 6.61 -47.58
C SER C 55 20.87 6.19 -48.65
N LYS C 56 20.25 7.16 -49.31
CA LYS C 56 19.31 6.89 -50.39
C LYS C 56 19.24 8.09 -51.33
N THR C 57 19.20 7.85 -52.64
CA THR C 57 19.15 8.98 -53.55
C THR C 57 17.75 9.21 -54.12
N MET C 58 17.43 10.48 -54.33
CA MET C 58 16.08 10.89 -54.72
C MET C 58 16.12 11.98 -55.79
N TYR C 59 15.13 11.99 -56.67
CA TYR C 59 14.97 13.08 -57.63
C TYR C 59 13.99 14.11 -57.08
N LEU C 60 14.53 15.17 -56.49
CA LEU C 60 13.69 16.22 -55.92
C LEU C 60 13.82 17.52 -56.71
N GLU C 61 12.70 17.96 -57.28
CA GLU C 61 12.63 19.28 -57.90
C GLU C 61 13.61 19.46 -59.05
N ASP C 62 13.27 18.93 -60.20
CA ASP C 62 13.98 19.21 -61.45
C ASP C 62 15.41 18.67 -61.49
N ARG C 63 15.80 17.94 -60.45
CA ARG C 63 17.13 17.34 -60.42
C ARG C 63 17.28 16.33 -59.28
N THR C 64 18.09 15.30 -59.51
CA THR C 64 18.37 14.29 -58.50
C THR C 64 19.41 14.79 -57.50
N VAL C 65 19.31 14.33 -56.25
CA VAL C 65 20.30 14.66 -55.21
C VAL C 65 20.56 13.46 -54.30
N ARG C 66 21.78 13.40 -53.76
CA ARG C 66 22.24 12.28 -52.94
C ARG C 66 22.39 12.69 -51.47
N LEU C 67 21.79 11.91 -50.58
CA LEU C 67 21.79 12.22 -49.16
C LEU C 67 22.47 11.17 -48.29
N GLN C 68 23.44 11.62 -47.51
CA GLN C 68 24.05 10.79 -46.47
C GLN C 68 23.34 11.10 -45.16
N LEU C 69 22.96 10.07 -44.42
CA LEU C 69 22.25 10.29 -43.16
C LEU C 69 23.00 9.68 -41.98
N TRP C 70 23.32 10.53 -41.00
CA TRP C 70 23.99 10.07 -39.79
C TRP C 70 23.03 10.09 -38.60
N ASP C 71 22.65 8.90 -38.11
CA ASP C 71 21.75 8.78 -36.98
C ASP C 71 22.54 8.67 -35.68
N THR C 72 22.61 9.77 -34.93
CA THR C 72 23.38 9.79 -33.68
C THR C 72 22.61 9.21 -32.52
N ALA C 73 23.32 8.89 -31.44
CA ALA C 73 22.72 8.33 -30.24
C ALA C 73 22.27 9.44 -29.29
N GLY C 74 21.04 9.34 -28.81
CA GLY C 74 20.60 10.21 -27.75
C GLY C 74 21.19 9.70 -26.44
N LEU C 75 21.64 8.45 -26.48
CA LEU C 75 22.25 7.79 -25.34
C LEU C 75 23.54 8.50 -24.94
N GLU C 76 23.78 8.62 -23.64
CA GLU C 76 24.83 9.49 -23.14
C GLU C 76 26.25 8.91 -23.26
N ARG C 77 26.38 7.59 -23.19
CA ARG C 77 27.67 6.93 -23.39
C ARG C 77 28.27 7.21 -24.76
N PHE C 78 27.42 7.17 -25.79
CA PHE C 78 27.87 7.25 -27.18
C PHE C 78 27.73 8.64 -27.77
N ARG C 79 28.34 9.64 -27.15
CA ARG C 79 28.24 11.01 -27.65
C ARG C 79 29.58 11.58 -28.08
N SER C 80 30.66 10.94 -27.64
CA SER C 80 32.01 11.42 -27.93
C SER C 80 32.27 11.54 -29.43
N LEU C 81 31.61 10.69 -30.20
CA LEU C 81 31.79 10.68 -31.65
C LEU C 81 31.10 11.86 -32.33
N ILE C 82 29.98 12.28 -31.74
CA ILE C 82 29.11 13.29 -32.36
C ILE C 82 29.83 14.52 -32.92
N PRO C 83 30.61 15.22 -32.08
CA PRO C 83 31.23 16.47 -32.52
C PRO C 83 31.99 16.30 -33.84
N SER C 84 32.70 15.19 -33.96
CA SER C 84 33.48 14.90 -35.15
C SER C 84 32.61 14.82 -36.41
N TYR C 85 31.39 14.33 -36.25
CA TYR C 85 30.47 14.19 -37.38
C TYR C 85 29.74 15.49 -37.72
N ILE C 86 29.45 16.30 -36.70
CA ILE C 86 28.83 17.59 -36.91
C ILE C 86 29.73 18.41 -37.83
N ARG C 87 31.02 18.29 -37.61
CA ARG C 87 32.03 19.00 -38.40
C ARG C 87 32.00 18.54 -39.85
N ASP C 88 31.54 17.32 -40.07
CA ASP C 88 31.58 16.68 -41.38
C ASP C 88 30.27 16.87 -42.15
N SER C 89 29.20 17.16 -41.44
CA SER C 89 27.87 17.24 -42.04
C SER C 89 27.47 18.67 -42.38
N THR C 90 26.83 18.84 -43.54
CA THR C 90 26.47 20.17 -44.02
C THR C 90 25.08 20.60 -43.54
N VAL C 91 24.37 19.70 -42.87
CA VAL C 91 23.03 19.98 -42.38
C VAL C 91 22.76 19.27 -41.05
N ALA C 92 22.04 19.94 -40.16
CA ALA C 92 21.72 19.36 -38.85
C ALA C 92 20.22 19.40 -38.54
N VAL C 93 19.66 18.25 -38.21
CA VAL C 93 18.26 18.16 -37.81
C VAL C 93 18.16 17.91 -36.31
N VAL C 94 17.68 18.91 -35.57
CA VAL C 94 17.54 18.81 -34.12
C VAL C 94 16.11 18.45 -33.75
N VAL C 95 15.93 17.29 -33.13
CA VAL C 95 14.60 16.74 -32.88
C VAL C 95 14.23 16.74 -31.40
N TYR C 96 12.99 17.15 -31.11
CA TYR C 96 12.47 17.06 -29.75
C TYR C 96 11.09 16.39 -29.70
N ASP C 97 10.66 16.05 -28.49
CA ASP C 97 9.39 15.37 -28.27
C ASP C 97 8.39 16.34 -27.64
N ILE C 98 7.29 16.62 -28.33
CA ILE C 98 6.33 17.63 -27.88
C ILE C 98 5.56 17.23 -26.61
N THR C 99 5.63 15.96 -26.23
CA THR C 99 4.99 15.49 -25.00
C THR C 99 6.02 15.41 -23.86
N ASN C 100 7.21 15.93 -24.14
CA ASN C 100 8.31 15.92 -23.17
C ASN C 100 8.97 17.29 -23.11
N VAL C 101 8.80 17.98 -21.98
CA VAL C 101 9.30 19.34 -21.85
C VAL C 101 10.83 19.43 -21.85
N ASN C 102 11.47 18.49 -21.15
CA ASN C 102 12.92 18.47 -21.08
C ASN C 102 13.58 18.35 -22.46
N SER C 103 13.17 17.35 -23.23
CA SER C 103 13.74 17.12 -24.56
C SER C 103 13.66 18.37 -25.44
N PHE C 104 12.69 19.24 -25.14
CA PHE C 104 12.55 20.49 -25.87
C PHE C 104 13.55 21.54 -25.40
N GLN C 105 13.74 21.62 -24.08
CA GLN C 105 14.70 22.55 -23.51
C GLN C 105 16.11 22.24 -24.00
N GLN C 106 16.43 20.95 -24.09
CA GLN C 106 17.76 20.50 -24.47
C GLN C 106 18.15 20.81 -25.93
N THR C 107 17.17 21.19 -26.75
CA THR C 107 17.47 21.52 -28.14
C THR C 107 18.44 22.71 -28.23
N THR C 108 18.50 23.50 -27.16
CA THR C 108 19.44 24.61 -27.09
C THR C 108 20.87 24.07 -27.06
N LYS C 109 21.07 23.01 -26.28
CA LYS C 109 22.36 22.33 -26.20
C LYS C 109 22.87 21.92 -27.57
N TRP C 110 22.02 21.23 -28.32
CA TRP C 110 22.40 20.65 -29.60
C TRP C 110 22.70 21.69 -30.68
N ILE C 111 22.05 22.85 -30.59
CA ILE C 111 22.31 23.91 -31.55
C ILE C 111 23.61 24.62 -31.20
N ASP C 112 23.86 24.81 -29.91
CA ASP C 112 25.12 25.37 -29.46
C ASP C 112 26.27 24.51 -29.97
N ASP C 113 26.14 23.19 -29.78
CA ASP C 113 27.17 22.25 -30.20
C ASP C 113 27.46 22.38 -31.71
N VAL C 114 26.43 22.75 -32.47
CA VAL C 114 26.56 22.88 -33.92
C VAL C 114 27.18 24.21 -34.32
N ARG C 115 26.75 25.28 -33.67
CA ARG C 115 27.32 26.60 -33.90
C ARG C 115 28.81 26.57 -33.63
N THR C 116 29.22 25.73 -32.68
CA THR C 116 30.61 25.62 -32.28
C THR C 116 31.48 25.01 -33.37
N GLU C 117 30.90 24.10 -34.15
CA GLU C 117 31.66 23.36 -35.17
C GLU C 117 31.59 24.01 -36.55
N ARG C 118 30.56 24.83 -36.79
CA ARG C 118 30.33 25.36 -38.13
C ARG C 118 29.80 26.80 -38.15
N GLY C 119 29.45 27.33 -36.99
CA GLY C 119 28.91 28.68 -36.90
C GLY C 119 27.65 28.87 -37.72
N SER C 120 27.73 29.75 -38.72
CA SER C 120 26.59 30.02 -39.60
C SER C 120 26.73 29.28 -40.92
N ASP C 121 27.82 28.53 -41.07
CA ASP C 121 28.06 27.76 -42.28
C ASP C 121 27.35 26.42 -42.22
N VAL C 122 26.09 26.43 -41.83
CA VAL C 122 25.31 25.20 -41.70
C VAL C 122 23.82 25.46 -41.75
N ILE C 123 23.07 24.51 -42.30
CA ILE C 123 21.61 24.59 -42.33
C ILE C 123 21.04 23.78 -41.18
N ILE C 124 20.19 24.42 -40.37
CA ILE C 124 19.65 23.76 -39.18
C ILE C 124 18.12 23.74 -39.14
N MET C 125 17.57 22.59 -38.77
CA MET C 125 16.13 22.41 -38.68
C MET C 125 15.69 21.89 -37.32
N LEU C 126 14.84 22.66 -36.65
CA LEU C 126 14.25 22.22 -35.39
C LEU C 126 12.97 21.43 -35.69
N VAL C 127 12.80 20.29 -35.02
CA VAL C 127 11.67 19.42 -35.29
C VAL C 127 10.92 18.98 -34.04
N GLY C 128 9.61 19.26 -34.00
CA GLY C 128 8.77 18.84 -32.90
C GLY C 128 7.99 17.58 -33.25
N ASN C 129 8.53 16.44 -32.86
CA ASN C 129 7.98 15.15 -33.27
C ASN C 129 6.89 14.61 -32.34
N LYS C 130 6.12 13.66 -32.85
CA LYS C 130 5.05 13.00 -32.10
C LYS C 130 3.77 13.85 -32.02
N THR C 131 3.37 14.45 -33.13
CA THR C 131 2.16 15.29 -33.16
C THR C 131 0.88 14.47 -32.98
N ASP C 132 0.96 13.17 -33.28
CA ASP C 132 -0.19 12.28 -33.12
C ASP C 132 -0.58 12.14 -31.64
N LEU C 133 0.32 12.58 -30.76
CA LEU C 133 0.04 12.60 -29.34
C LEU C 133 -0.30 14.02 -28.90
N ALA C 134 -1.26 14.64 -29.59
CA ALA C 134 -1.65 16.02 -29.29
C ALA C 134 -2.31 16.15 -27.92
N ASP C 135 -2.92 15.04 -27.47
CA ASP C 135 -3.57 14.99 -26.17
C ASP C 135 -2.56 15.20 -25.03
N LYS C 136 -1.41 14.57 -25.16
CA LYS C 136 -0.39 14.57 -24.10
C LYS C 136 0.64 15.67 -24.30
N ARG C 137 0.31 16.66 -25.13
CA ARG C 137 1.24 17.74 -25.46
C ARG C 137 1.60 18.63 -24.27
N GLN C 138 2.89 18.92 -24.13
CA GLN C 138 3.40 19.80 -23.08
C GLN C 138 3.98 21.08 -23.67
N VAL C 139 4.51 20.95 -24.89
CA VAL C 139 5.09 22.09 -25.59
C VAL C 139 4.12 22.59 -26.65
N SER C 140 3.86 23.89 -26.66
CA SER C 140 2.97 24.49 -27.65
C SER C 140 3.71 24.75 -28.96
N ILE C 141 2.96 25.05 -30.00
CA ILE C 141 3.55 25.34 -31.30
C ILE C 141 4.23 26.72 -31.28
N GLU C 142 3.67 27.64 -30.51
CA GLU C 142 4.22 28.98 -30.39
C GLU C 142 5.61 28.96 -29.75
N GLU C 143 5.76 28.18 -28.69
CA GLU C 143 7.03 28.07 -28.00
C GLU C 143 8.09 27.55 -28.98
N GLY C 144 7.67 26.62 -29.84
CA GLY C 144 8.57 26.05 -30.83
C GLY C 144 8.93 27.02 -31.94
N GLU C 145 7.91 27.66 -32.51
CA GLU C 145 8.12 28.64 -33.57
C GLU C 145 8.93 29.83 -33.07
N ARG C 146 8.70 30.21 -31.82
CA ARG C 146 9.42 31.31 -31.18
C ARG C 146 10.90 31.00 -31.04
N LYS C 147 11.20 29.85 -30.44
CA LYS C 147 12.57 29.41 -30.23
C LYS C 147 13.34 29.28 -31.53
N ALA C 148 12.68 28.83 -32.58
CA ALA C 148 13.32 28.66 -33.89
C ALA C 148 13.82 29.99 -34.44
N LYS C 149 12.94 31.00 -34.46
CA LYS C 149 13.32 32.33 -34.91
C LYS C 149 14.37 32.91 -33.97
N GLU C 150 14.24 32.62 -32.69
CA GLU C 150 15.18 33.05 -31.66
C GLU C 150 16.61 32.68 -32.03
N LEU C 151 16.82 31.42 -32.39
CA LEU C 151 18.14 30.90 -32.71
C LEU C 151 18.39 30.88 -34.22
N ASN C 152 17.52 31.56 -34.97
CA ASN C 152 17.65 31.66 -36.42
C ASN C 152 17.83 30.31 -37.12
N VAL C 153 16.86 29.42 -36.94
CA VAL C 153 16.85 28.13 -37.62
C VAL C 153 15.43 27.78 -38.07
N MET C 154 15.31 26.88 -39.03
CA MET C 154 14.00 26.47 -39.54
C MET C 154 13.23 25.64 -38.51
N PHE C 155 11.91 25.59 -38.65
CA PHE C 155 11.08 24.83 -37.72
C PHE C 155 9.95 24.08 -38.43
N ILE C 156 9.56 22.95 -37.85
CA ILE C 156 8.48 22.12 -38.38
C ILE C 156 8.11 21.02 -37.40
N GLU C 157 6.82 20.80 -37.22
CA GLU C 157 6.34 19.69 -36.38
C GLU C 157 6.00 18.50 -37.26
N THR C 158 6.20 17.29 -36.73
CA THR C 158 6.00 16.08 -37.50
C THR C 158 5.43 14.95 -36.65
N SER C 159 5.01 13.88 -37.33
CA SER C 159 4.68 12.63 -36.68
C SER C 159 5.24 11.47 -37.49
N ALA C 160 6.22 10.78 -36.92
CA ALA C 160 6.85 9.67 -37.62
C ALA C 160 5.92 8.46 -37.65
N LYS C 161 5.06 8.37 -36.64
CA LYS C 161 4.09 7.28 -36.57
C LYS C 161 3.05 7.42 -37.67
N ALA C 162 2.53 8.63 -37.84
CA ALA C 162 1.46 8.90 -38.80
C ALA C 162 1.97 9.24 -40.21
N GLY C 163 3.27 9.45 -40.34
CA GLY C 163 3.84 9.82 -41.63
C GLY C 163 3.61 11.29 -41.97
N TYR C 164 3.07 12.03 -41.00
CA TYR C 164 2.77 13.46 -41.18
C TYR C 164 4.02 14.33 -41.27
N ASN C 165 4.11 15.13 -42.34
CA ASN C 165 5.18 16.11 -42.52
C ASN C 165 6.60 15.56 -42.58
N VAL C 166 6.74 14.25 -42.71
CA VAL C 166 8.06 13.64 -42.75
C VAL C 166 8.73 13.88 -44.12
N LYS C 167 7.95 13.74 -45.20
CA LYS C 167 8.46 14.08 -46.53
C LYS C 167 8.66 15.59 -46.63
N GLN C 168 7.67 16.34 -46.16
CA GLN C 168 7.75 17.80 -46.13
C GLN C 168 9.05 18.29 -45.50
N LEU C 169 9.50 17.60 -44.45
CA LEU C 169 10.73 17.97 -43.75
C LEU C 169 11.95 17.95 -44.66
N PHE C 170 12.21 16.80 -45.28
CA PHE C 170 13.38 16.63 -46.14
C PHE C 170 13.28 17.49 -47.40
N ARG C 171 12.06 17.71 -47.87
CA ARG C 171 11.83 18.54 -49.05
C ARG C 171 12.27 19.98 -48.80
N ARG C 172 12.04 20.47 -47.59
CA ARG C 172 12.37 21.85 -47.23
C ARG C 172 13.87 22.03 -47.02
N VAL C 173 14.53 20.95 -46.61
CA VAL C 173 15.96 20.97 -46.37
C VAL C 173 16.75 20.99 -47.69
N ALA C 174 16.27 20.23 -48.66
CA ALA C 174 16.87 20.20 -49.98
C ALA C 174 16.66 21.52 -50.72
N ALA C 175 15.68 22.29 -50.29
CA ALA C 175 15.35 23.56 -50.93
C ALA C 175 16.21 24.70 -50.40
N ALA C 176 17.06 24.40 -49.43
CA ALA C 176 17.90 25.42 -48.82
C ALA C 176 19.39 25.16 -49.03
N LEU C 177 19.71 24.40 -50.08
CA LEU C 177 21.10 24.04 -50.38
C LEU C 177 21.65 24.80 -51.58
N LYS D 29 -4.79 6.92 48.82
CA LYS D 29 -4.95 5.49 49.05
C LYS D 29 -5.67 4.81 47.90
N SER D 30 -6.43 5.59 47.13
CA SER D 30 -7.17 5.05 45.99
C SER D 30 -6.31 5.01 44.74
N ALA D 31 -5.09 5.54 44.83
CA ALA D 31 -4.13 5.47 43.74
C ALA D 31 -3.65 4.04 43.57
N ASP D 32 -4.33 3.12 44.26
CA ASP D 32 -3.98 1.71 44.22
C ASP D 32 -4.84 0.96 43.20
N HIS D 33 -6.15 1.17 43.28
CA HIS D 33 -7.09 0.51 42.36
C HIS D 33 -6.87 0.96 40.93
N LEU D 34 -6.05 1.99 40.76
CA LEU D 34 -5.74 2.50 39.42
C LEU D 34 -4.74 1.60 38.70
N ASN D 35 -3.95 0.86 39.45
CA ASN D 35 -2.98 -0.06 38.86
C ASN D 35 -3.56 -1.41 38.49
N GLY D 36 -4.20 -2.06 39.46
CA GLY D 36 -4.82 -3.35 39.22
C GLY D 36 -5.81 -3.29 38.06
N LEU D 37 -6.42 -2.13 37.88
CA LEU D 37 -7.41 -1.95 36.82
C LEU D 37 -6.76 -1.59 35.48
N LEU D 38 -5.71 -0.78 35.53
CA LEU D 38 -4.97 -0.43 34.33
C LEU D 38 -4.38 -1.68 33.69
N ARG D 39 -3.84 -2.57 34.52
CA ARG D 39 -3.24 -3.80 34.04
C ARG D 39 -4.29 -4.74 33.43
N GLU D 40 -5.54 -4.58 33.85
CA GLU D 40 -6.64 -5.34 33.27
C GLU D 40 -7.01 -4.79 31.91
N THR D 41 -6.93 -3.47 31.75
CA THR D 41 -7.21 -2.81 30.48
C THR D 41 -6.10 -3.10 29.49
N GLU D 42 -4.92 -3.41 30.00
CA GLU D 42 -3.77 -3.78 29.17
C GLU D 42 -3.76 -5.28 28.90
N ALA D 43 -4.37 -6.05 29.79
CA ALA D 43 -4.51 -7.49 29.60
C ALA D 43 -5.52 -7.77 28.49
N THR D 44 -6.64 -7.06 28.56
CA THR D 44 -7.67 -7.18 27.54
C THR D 44 -7.17 -6.58 26.23
N ASN D 45 -6.27 -5.62 26.35
CA ASN D 45 -5.64 -5.00 25.19
C ASN D 45 -4.79 -6.00 24.43
N ALA D 46 -4.07 -6.83 25.17
CA ALA D 46 -3.20 -7.84 24.59
C ALA D 46 -3.99 -8.85 23.75
N ILE D 47 -4.99 -9.47 24.37
CA ILE D 47 -5.78 -10.50 23.70
C ILE D 47 -6.50 -9.97 22.46
N LEU D 48 -6.79 -8.67 22.45
CA LEU D 48 -7.41 -8.05 21.28
C LEU D 48 -6.47 -8.15 20.09
N MET D 49 -5.23 -7.70 20.27
CA MET D 49 -4.25 -7.73 19.20
C MET D 49 -3.95 -9.15 18.73
N GLU D 50 -4.10 -10.12 19.63
CA GLU D 50 -3.93 -11.52 19.28
C GLU D 50 -5.03 -11.98 18.34
N GLN D 51 -6.27 -11.62 18.68
CA GLN D 51 -7.42 -11.96 17.85
C GLN D 51 -7.31 -11.28 16.48
N ILE D 52 -6.80 -10.06 16.50
CA ILE D 52 -6.61 -9.30 15.26
C ILE D 52 -5.64 -9.99 14.31
N LYS D 53 -4.51 -10.46 14.85
CA LYS D 53 -3.53 -11.18 14.05
C LYS D 53 -4.13 -12.42 13.41
N LEU D 54 -4.93 -13.16 14.19
CA LEU D 54 -5.53 -14.41 13.71
C LEU D 54 -6.52 -14.14 12.59
N LEU D 55 -7.29 -13.07 12.74
CA LEU D 55 -8.27 -12.66 11.74
C LEU D 55 -7.57 -12.29 10.43
N LYS D 56 -6.53 -11.46 10.52
CA LYS D 56 -5.81 -10.99 9.35
C LYS D 56 -5.28 -12.13 8.49
N SER D 57 -4.68 -13.12 9.13
CA SER D 57 -4.14 -14.26 8.40
C SER D 57 -5.26 -15.12 7.81
N GLU D 58 -6.39 -15.15 8.51
CA GLU D 58 -7.59 -15.82 8.00
C GLU D 58 -8.08 -15.15 6.72
N ILE D 59 -7.99 -13.81 6.69
CA ILE D 59 -8.33 -13.06 5.48
C ILE D 59 -7.36 -13.42 4.34
N ARG D 60 -6.06 -13.35 4.64
CA ARG D 60 -5.04 -13.69 3.66
C ARG D 60 -5.22 -15.11 3.13
N ARG D 61 -5.66 -16.01 4.02
CA ARG D 61 -5.91 -17.40 3.63
C ARG D 61 -7.06 -17.53 2.64
N LEU D 62 -8.16 -16.85 2.92
CA LEU D 62 -9.32 -16.88 2.04
C LEU D 62 -9.00 -16.29 0.66
N GLU D 63 -8.19 -15.23 0.63
CA GLU D 63 -7.84 -14.56 -0.61
C GLU D 63 -6.98 -15.44 -1.53
N ARG D 64 -6.19 -16.33 -0.93
CA ARG D 64 -5.36 -17.25 -1.70
C ARG D 64 -6.19 -18.31 -2.42
N ASN D 65 -7.14 -18.91 -1.70
CA ASN D 65 -8.03 -19.92 -2.27
C ASN D 65 -9.17 -19.28 -3.06
N GLN D 66 -8.90 -18.13 -3.67
CA GLN D 66 -9.90 -17.43 -4.47
C GLN D 66 -9.72 -17.72 -5.95
N SER E 30 0.75 11.73 42.16
CA SER E 30 0.98 10.98 40.92
C SER E 30 -0.23 10.11 40.57
N ALA E 31 -1.22 10.09 41.45
CA ALA E 31 -2.47 9.39 41.18
C ALA E 31 -3.24 10.12 40.08
N ASP E 32 -2.57 11.08 39.45
CA ASP E 32 -3.16 11.88 38.39
C ASP E 32 -2.82 11.32 37.01
N HIS E 33 -1.54 11.04 36.79
CA HIS E 33 -1.08 10.50 35.51
C HIS E 33 -1.65 9.11 35.26
N LEU E 34 -2.27 8.53 36.29
CA LEU E 34 -2.88 7.22 36.16
C LEU E 34 -4.20 7.28 35.39
N ASN E 35 -4.85 8.44 35.41
CA ASN E 35 -6.11 8.62 34.70
C ASN E 35 -5.93 8.96 33.22
N GLY E 36 -5.16 10.01 32.95
CA GLY E 36 -4.89 10.43 31.60
C GLY E 36 -4.32 9.29 30.76
N LEU E 37 -3.59 8.39 31.42
CA LEU E 37 -2.97 7.25 30.74
C LEU E 37 -3.93 6.08 30.59
N LEU E 38 -4.74 5.84 31.62
CA LEU E 38 -5.74 4.79 31.56
C LEU E 38 -6.73 5.03 30.44
N ARG E 39 -7.13 6.30 30.29
CA ARG E 39 -8.08 6.68 29.25
C ARG E 39 -7.46 6.52 27.86
N GLU E 40 -6.14 6.57 27.78
CA GLU E 40 -5.43 6.34 26.52
C GLU E 40 -5.41 4.85 26.19
N THR E 41 -5.30 4.02 27.23
CA THR E 41 -5.31 2.57 27.05
C THR E 41 -6.71 2.10 26.71
N GLU E 42 -7.71 2.89 27.08
CA GLU E 42 -9.10 2.60 26.75
C GLU E 42 -9.48 3.21 25.41
N ALA E 43 -8.78 4.27 25.02
CA ALA E 43 -8.97 4.88 23.70
C ALA E 43 -8.43 3.96 22.62
N THR E 44 -7.23 3.43 22.85
CA THR E 44 -6.61 2.47 21.95
C THR E 44 -7.38 1.17 21.96
N ASN E 45 -8.01 0.88 23.10
CA ASN E 45 -8.83 -0.31 23.25
C ASN E 45 -10.06 -0.24 22.34
N ALA E 46 -10.65 0.95 22.24
CA ALA E 46 -11.83 1.17 21.43
C ALA E 46 -11.57 0.92 19.95
N ILE E 47 -10.55 1.58 19.41
CA ILE E 47 -10.20 1.47 18.00
C ILE E 47 -9.81 0.05 17.60
N LEU E 48 -9.29 -0.71 18.54
CA LEU E 48 -8.98 -2.11 18.29
C LEU E 48 -10.25 -2.88 17.95
N MET E 49 -11.26 -2.76 18.80
CA MET E 49 -12.53 -3.47 18.59
C MET E 49 -13.22 -3.02 17.30
N GLU E 50 -12.98 -1.78 16.90
CA GLU E 50 -13.51 -1.27 15.65
C GLU E 50 -12.86 -1.97 14.46
N GLN E 51 -11.54 -2.09 14.50
CA GLN E 51 -10.79 -2.78 13.45
C GLN E 51 -11.19 -4.26 13.40
N ILE E 52 -11.45 -4.83 14.56
CA ILE E 52 -11.86 -6.23 14.65
C ILE E 52 -13.19 -6.46 13.95
N LYS E 53 -14.16 -5.58 14.19
CA LYS E 53 -15.45 -5.68 13.54
C LYS E 53 -15.33 -5.62 12.02
N LEU E 54 -14.48 -4.71 11.54
CA LEU E 54 -14.31 -4.52 10.10
C LEU E 54 -13.68 -5.74 9.46
N LEU E 55 -12.72 -6.35 10.17
CA LEU E 55 -12.05 -7.55 9.69
C LEU E 55 -13.03 -8.72 9.60
N LYS E 56 -13.80 -8.93 10.66
CA LYS E 56 -14.76 -10.03 10.71
C LYS E 56 -15.75 -10.01 9.53
N SER E 57 -16.29 -8.84 9.22
CA SER E 57 -17.24 -8.71 8.12
C SER E 57 -16.53 -8.91 6.77
N GLU E 58 -15.27 -8.51 6.71
CA GLU E 58 -14.43 -8.76 5.54
C GLU E 58 -14.25 -10.26 5.32
N ILE E 59 -14.11 -11.01 6.42
CA ILE E 59 -14.03 -12.46 6.34
C ILE E 59 -15.34 -13.04 5.83
N ARG E 60 -16.45 -12.64 6.43
CA ARG E 60 -17.77 -13.07 6.01
C ARG E 60 -18.03 -12.75 4.54
N ARG E 61 -17.53 -11.61 4.10
CA ARG E 61 -17.67 -11.19 2.70
C ARG E 61 -16.93 -12.13 1.75
N LEU E 62 -15.69 -12.47 2.09
CA LEU E 62 -14.89 -13.36 1.26
C LEU E 62 -15.51 -14.75 1.17
N GLU E 63 -16.07 -15.22 2.28
CA GLU E 63 -16.67 -16.55 2.34
C GLU E 63 -17.92 -16.67 1.46
N ARG E 64 -18.62 -15.56 1.28
CA ARG E 64 -19.82 -15.55 0.44
C ARG E 64 -19.47 -15.70 -1.04
N ASN E 65 -18.48 -14.93 -1.49
CA ASN E 65 -18.02 -15.00 -2.88
C ASN E 65 -17.08 -16.18 -3.11
N GLN E 66 -17.32 -17.28 -2.39
CA GLN E 66 -16.49 -18.47 -2.51
C GLN E 66 -17.18 -19.49 -3.41
N LEU F 37 41.86 2.26 -56.86
CA LEU F 37 42.21 2.49 -55.46
C LEU F 37 41.02 3.02 -54.66
N LEU F 38 40.22 3.89 -55.28
CA LEU F 38 39.02 4.40 -54.64
C LEU F 38 38.05 3.28 -54.30
N ARG F 39 37.92 2.34 -55.22
CA ARG F 39 37.03 1.19 -55.03
C ARG F 39 37.54 0.28 -53.92
N GLU F 40 38.84 0.31 -53.67
CA GLU F 40 39.44 -0.44 -52.56
C GLU F 40 39.13 0.23 -51.23
N THR F 41 39.12 1.56 -51.22
CA THR F 41 38.80 2.33 -50.03
C THR F 41 37.32 2.21 -49.71
N GLU F 42 36.52 1.92 -50.74
CA GLU F 42 35.09 1.69 -50.57
C GLU F 42 34.79 0.24 -50.24
N ALA F 43 35.67 -0.65 -50.66
CA ALA F 43 35.55 -2.07 -50.34
C ALA F 43 35.85 -2.29 -48.86
N THR F 44 36.93 -1.65 -48.39
CA THR F 44 37.30 -1.71 -46.98
C THR F 44 36.27 -0.95 -46.14
N ASN F 45 35.64 0.05 -46.76
CA ASN F 45 34.60 0.83 -46.12
C ASN F 45 33.38 -0.04 -45.82
N ALA F 46 33.05 -0.91 -46.77
CA ALA F 46 31.90 -1.80 -46.64
C ALA F 46 32.06 -2.77 -45.46
N ILE F 47 33.18 -3.50 -45.45
CA ILE F 47 33.42 -4.49 -44.40
C ILE F 47 33.48 -3.87 -43.02
N LEU F 48 33.86 -2.60 -42.94
CA LEU F 48 33.88 -1.90 -41.67
C LEU F 48 32.47 -1.81 -41.10
N MET F 49 31.55 -1.31 -41.90
CA MET F 49 30.16 -1.17 -41.47
C MET F 49 29.52 -2.52 -41.13
N GLU F 50 30.00 -3.59 -41.76
CA GLU F 50 29.52 -4.93 -41.45
C GLU F 50 29.97 -5.34 -40.06
N GLN F 51 31.24 -5.09 -39.75
CA GLN F 51 31.79 -5.41 -38.44
C GLN F 51 31.10 -4.58 -37.36
N ILE F 52 30.77 -3.34 -37.70
CA ILE F 52 30.08 -2.45 -36.78
C ILE F 52 28.70 -2.98 -36.41
N LYS F 53 27.95 -3.44 -37.41
CA LYS F 53 26.62 -4.00 -37.16
C LYS F 53 26.71 -5.21 -36.23
N LEU F 54 27.71 -6.06 -36.45
CA LEU F 54 27.87 -7.28 -35.67
C LEU F 54 28.19 -6.95 -34.23
N LEU F 55 29.03 -5.94 -34.04
CA LEU F 55 29.42 -5.49 -32.70
C LEU F 55 28.23 -4.92 -31.94
N LYS F 56 27.46 -4.05 -32.59
CA LYS F 56 26.30 -3.43 -31.97
C LYS F 56 25.29 -4.45 -31.43
N SER F 57 24.99 -5.48 -32.22
CA SER F 57 24.05 -6.49 -31.80
C SER F 57 24.64 -7.33 -30.67
N GLU F 58 25.95 -7.51 -30.70
CA GLU F 58 26.66 -8.20 -29.62
C GLU F 58 26.52 -7.41 -28.31
N ILE F 59 26.57 -6.09 -28.41
CA ILE F 59 26.34 -5.23 -27.25
C ILE F 59 24.91 -5.41 -26.74
N ARG F 60 23.93 -5.31 -27.64
CA ARG F 60 22.53 -5.47 -27.27
C ARG F 60 22.29 -6.84 -26.64
N ARG F 61 23.01 -7.85 -27.12
CA ARG F 61 22.90 -9.20 -26.59
C ARG F 61 23.38 -9.28 -25.15
N LEU F 62 24.54 -8.69 -24.88
CA LEU F 62 25.09 -8.70 -23.54
C LEU F 62 24.19 -7.95 -22.55
N GLU F 63 23.58 -6.86 -23.01
CA GLU F 63 22.73 -6.05 -22.16
C GLU F 63 21.46 -6.78 -21.74
N ARG F 64 20.99 -7.68 -22.59
CA ARG F 64 19.80 -8.47 -22.30
C ARG F 64 20.04 -9.48 -21.18
N ASN F 65 21.15 -10.20 -21.29
CA ASN F 65 21.52 -11.19 -20.28
C ASN F 65 22.18 -10.54 -19.06
N GLN F 66 21.76 -9.32 -18.75
CA GLN F 66 22.31 -8.58 -17.62
C GLN F 66 21.39 -8.72 -16.40
#